data_1ESB
#
_entry.id   1ESB
#
_cell.length_a   52.020
_cell.length_b   57.220
_cell.length_c   74.660
_cell.angle_alpha   90.00
_cell.angle_beta   90.00
_cell.angle_gamma   90.00
#
_symmetry.space_group_name_H-M   'P 21 21 21'
#
loop_
_entity.id
_entity.type
_entity.pdbx_description
1 polymer 'PORCINE PANCREATIC ELASTASE'
2 non-polymer N-[(BENZYLOXY)CARBONYL]-L-ALANINE
3 non-polymer 'CALCIUM ION'
4 non-polymer 'SULFATE ION'
5 water water
#
_entity_poly.entity_id   1
_entity_poly.type   'polypeptide(L)'
_entity_poly.pdbx_seq_one_letter_code
;VVGGTEAQRNSWPSQISLQYRSGSSWAHTCGGTLIRQNWVMTAAHCVDRELTFRVVVGEHNLNQNNGTEQYVGVQKIVVH
PYWNTDDVAAGYDIALLRLAQSVTLNSYVQLGVLPRAGTILANNSPCYITGWGLTRTNGQLAQTLQQAYLPTVDYAICSS
SSYWGSTVKNSMVCAGGDGVRSGCQGDSGGPLHCLVNGQYAVHGVTSFVSRLGCNVTRKPTVFTRVSAYISWINNVIASN
;
_entity_poly.pdbx_strand_id   A
#
# COMPACT_ATOMS: atom_id res chain seq x y z
N VAL A 1 0.42 6.31 -9.08
CA VAL A 1 1.51 7.11 -8.57
C VAL A 1 1.69 8.30 -9.52
N VAL A 2 1.54 9.51 -8.95
CA VAL A 2 1.73 10.76 -9.67
C VAL A 2 3.20 11.02 -9.58
N GLY A 3 3.85 11.14 -10.74
CA GLY A 3 5.20 11.61 -10.73
C GLY A 3 6.29 10.57 -10.69
N GLY A 4 6.00 9.31 -11.02
CA GLY A 4 7.01 8.27 -10.99
C GLY A 4 7.42 7.80 -12.40
N THR A 5 8.08 6.63 -12.36
CA THR A 5 8.68 5.93 -13.46
C THR A 5 8.36 4.43 -13.36
N GLU A 6 8.28 3.73 -14.48
CA GLU A 6 8.14 2.29 -14.52
C GLU A 6 9.21 1.50 -13.75
N ALA A 7 8.69 0.67 -12.84
CA ALA A 7 9.52 -0.27 -12.12
C ALA A 7 9.96 -1.39 -13.06
N GLN A 8 11.12 -1.97 -12.79
CA GLN A 8 11.64 -3.12 -13.50
C GLN A 8 10.76 -4.27 -13.04
N ARG A 9 10.56 -5.32 -13.83
CA ARG A 9 9.61 -6.36 -13.49
C ARG A 9 9.93 -7.21 -12.33
N ASN A 10 11.20 -7.27 -11.98
CA ASN A 10 11.60 -8.05 -10.79
C ASN A 10 11.89 -7.20 -9.55
N SER A 11 11.51 -5.93 -9.61
CA SER A 11 11.92 -5.02 -8.57
C SER A 11 11.17 -5.13 -7.28
N TRP A 12 9.82 -5.09 -7.32
CA TRP A 12 9.06 -5.12 -6.10
C TRP A 12 8.12 -6.33 -6.06
N PRO A 13 8.66 -7.54 -5.69
CA PRO A 13 8.04 -8.88 -5.74
C PRO A 13 6.94 -9.31 -4.78
N SER A 14 6.84 -8.51 -3.73
CA SER A 14 5.83 -8.57 -2.69
C SER A 14 4.61 -7.72 -3.06
N GLN A 15 4.73 -6.87 -4.10
CA GLN A 15 3.60 -6.08 -4.55
C GLN A 15 2.60 -6.98 -5.27
N ILE A 16 1.37 -6.82 -4.80
CA ILE A 16 0.25 -7.49 -5.38
C ILE A 16 -0.73 -6.44 -5.84
N SER A 17 -1.65 -6.89 -6.68
CA SER A 17 -2.73 -6.10 -7.24
C SER A 17 -4.02 -6.65 -6.65
N LEU A 18 -4.93 -5.80 -6.12
CA LEU A 18 -6.14 -6.30 -5.54
C LEU A 18 -7.28 -5.89 -6.48
N GLN A 19 -8.03 -6.88 -6.96
CA GLN A 19 -8.98 -6.59 -8.01
C GLN A 19 -10.31 -7.10 -7.58
N TYR A 20 -11.39 -6.59 -8.17
CA TYR A 20 -12.73 -7.05 -7.79
C TYR A 20 -13.48 -7.41 -9.05
N ARG A 21 -14.50 -8.28 -8.95
CA ARG A 21 -15.21 -8.69 -10.12
C ARG A 21 -16.30 -7.68 -10.40
N SER A 22 -16.21 -7.21 -11.65
CA SER A 22 -17.10 -6.23 -12.23
C SER A 22 -17.76 -6.88 -13.48
N GLY A 23 -18.98 -7.39 -13.32
CA GLY A 23 -19.64 -8.12 -14.41
C GLY A 23 -19.00 -9.49 -14.53
N SER A 24 -18.30 -9.64 -15.67
CA SER A 24 -17.49 -10.82 -15.92
C SER A 24 -16.04 -10.40 -16.22
N SER A 25 -15.74 -9.12 -15.97
CA SER A 25 -14.41 -8.58 -16.05
C SER A 25 -13.86 -8.39 -14.63
N TRP A 26 -12.54 -8.14 -14.56
CA TRP A 26 -11.79 -7.91 -13.32
C TRP A 26 -11.01 -6.60 -13.36
N ALA A 27 -11.22 -5.73 -12.36
CA ALA A 27 -10.66 -4.41 -12.27
C ALA A 27 -9.86 -4.10 -11.00
N HIS A 28 -8.70 -3.49 -11.26
CA HIS A 28 -7.77 -3.06 -10.26
C HIS A 28 -8.41 -1.97 -9.38
N THR A 29 -8.37 -2.18 -8.06
CA THR A 29 -8.86 -1.17 -7.14
C THR A 29 -7.72 -0.69 -6.21
N CYS A 30 -6.90 -1.62 -5.70
CA CYS A 30 -5.86 -1.29 -4.74
C CYS A 30 -4.58 -2.11 -4.84
N GLY A 31 -3.51 -1.71 -4.14
CA GLY A 31 -2.30 -2.48 -3.94
C GLY A 31 -2.40 -3.33 -2.64
N GLY A 32 -1.30 -4.07 -2.38
CA GLY A 32 -1.14 -4.90 -1.20
C GLY A 32 0.32 -5.35 -1.20
N THR A 33 0.74 -6.04 -0.16
CA THR A 33 2.08 -6.58 0.05
C THR A 33 1.84 -8.02 0.48
N LEU A 34 2.40 -9.04 -0.24
CA LEU A 34 2.38 -10.45 0.19
C LEU A 34 3.16 -10.68 1.49
N ILE A 35 2.62 -11.12 2.63
CA ILE A 35 3.48 -11.23 3.83
C ILE A 35 3.69 -12.69 4.25
N ARG A 36 2.76 -13.56 3.82
CA ARG A 36 2.85 -15.02 3.89
C ARG A 36 2.54 -15.55 2.48
N GLN A 37 2.68 -16.81 2.14
CA GLN A 37 2.29 -17.33 0.85
C GLN A 37 0.75 -17.31 0.74
N ASN A 38 0.08 -17.34 1.90
CA ASN A 38 -1.36 -17.19 1.96
C ASN A 38 -1.90 -15.97 2.69
N TRP A 39 -1.18 -14.85 2.84
CA TRP A 39 -1.74 -13.66 3.51
C TRP A 39 -1.24 -12.42 2.85
N VAL A 40 -2.12 -11.49 2.54
CA VAL A 40 -1.78 -10.18 1.98
C VAL A 40 -2.19 -9.03 2.94
N MET A 41 -1.31 -8.02 3.04
CA MET A 41 -1.64 -6.87 3.83
C MET A 41 -2.10 -5.79 2.92
N THR A 42 -3.25 -5.15 3.21
CA THR A 42 -3.80 -4.11 2.33
C THR A 42 -4.49 -3.05 3.22
N ALA A 43 -5.17 -2.02 2.69
CA ALA A 43 -5.80 -1.00 3.49
C ALA A 43 -7.19 -1.48 3.81
N ALA A 44 -7.79 -1.02 4.90
CA ALA A 44 -9.13 -1.49 5.24
C ALA A 44 -10.18 -0.84 4.33
N HIS A 45 -10.00 0.42 3.90
CA HIS A 45 -10.99 1.07 3.07
C HIS A 45 -11.10 0.49 1.67
N CYS A 46 -10.13 -0.43 1.35
CA CYS A 46 -10.04 -1.10 0.07
C CYS A 46 -11.07 -2.18 -0.01
N VAL A 47 -11.34 -2.84 1.12
CA VAL A 47 -12.28 -3.94 1.19
C VAL A 47 -13.52 -3.58 1.97
N ASP A 48 -13.79 -2.26 2.06
CA ASP A 48 -15.04 -1.78 2.61
C ASP A 48 -16.22 -2.35 1.85
N ARG A 49 -16.26 -2.21 0.50
CA ARG A 49 -17.41 -2.63 -0.30
C ARG A 49 -17.53 -4.14 -0.40
N GLU A 50 -18.77 -4.61 -0.56
CA GLU A 50 -19.03 -6.02 -0.54
C GLU A 50 -18.89 -6.65 -1.92
N LEU A 51 -17.62 -6.73 -2.31
CA LEU A 51 -17.20 -7.15 -3.63
C LEU A 51 -16.51 -8.49 -3.59
N THR A 52 -16.44 -9.16 -4.74
CA THR A 52 -15.64 -10.36 -4.86
C THR A 52 -14.27 -9.85 -5.24
N PHE A 53 -13.31 -10.29 -4.44
CA PHE A 53 -11.94 -9.88 -4.65
C PHE A 53 -11.08 -11.02 -5.11
N ARG A 54 -10.03 -10.72 -5.88
CA ARG A 54 -9.00 -11.69 -6.16
C ARG A 54 -7.65 -10.97 -6.05
N VAL A 55 -6.58 -11.68 -5.83
CA VAL A 55 -5.24 -11.16 -5.70
C VAL A 55 -4.42 -11.61 -6.89
N VAL A 56 -3.65 -10.72 -7.49
CA VAL A 56 -2.67 -11.08 -8.53
C VAL A 56 -1.27 -10.81 -7.99
N VAL A 57 -0.42 -11.85 -7.95
CA VAL A 57 0.99 -11.64 -7.61
C VAL A 57 1.80 -11.89 -8.90
N GLY A 58 3.04 -11.34 -8.87
CA GLY A 58 3.97 -11.43 -9.97
C GLY A 58 3.49 -10.72 -11.21
N GLU A 59 2.57 -9.79 -10.97
CA GLU A 59 2.00 -8.96 -11.97
C GLU A 59 2.96 -7.81 -12.21
N HIS A 60 3.00 -7.41 -13.51
CA HIS A 60 3.69 -6.21 -13.94
C HIS A 60 2.90 -5.32 -14.92
N ASN A 61 2.42 -5.81 -16.10
CA ASN A 61 1.59 -4.98 -16.98
C ASN A 61 0.14 -5.40 -16.76
N LEU A 62 -0.79 -4.47 -16.46
CA LEU A 62 -2.13 -4.90 -16.11
C LEU A 62 -2.96 -5.48 -17.22
N ASN A 63 -2.71 -4.92 -18.40
CA ASN A 63 -3.49 -5.28 -19.57
C ASN A 63 -2.83 -6.34 -20.45
N GLN A 64 -1.52 -6.65 -20.35
CA GLN A 64 -0.86 -7.68 -21.17
C GLN A 64 -0.47 -8.91 -20.39
N ASN A 65 -0.30 -10.13 -20.90
CA ASN A 65 0.24 -11.18 -20.08
C ASN A 65 1.75 -10.98 -19.97
N ASN A 66 2.28 -11.06 -18.76
CA ASN A 66 3.71 -10.92 -18.54
C ASN A 66 4.43 -12.27 -18.53
N GLY A 67 3.62 -13.33 -18.31
CA GLY A 67 4.04 -14.72 -18.26
C GLY A 67 4.58 -15.01 -16.87
N THR A 68 4.24 -14.20 -15.83
CA THR A 68 4.77 -14.29 -14.44
C THR A 68 3.69 -14.26 -13.36
N GLU A 69 2.43 -14.03 -13.75
CA GLU A 69 1.29 -13.85 -12.85
C GLU A 69 0.77 -15.11 -12.27
N GLN A 70 0.24 -14.95 -11.04
CA GLN A 70 -0.49 -15.99 -10.33
C GLN A 70 -1.76 -15.37 -9.77
N TYR A 71 -2.92 -15.97 -10.07
CA TYR A 71 -4.20 -15.42 -9.66
C TYR A 71 -4.81 -16.34 -8.65
N VAL A 72 -5.27 -15.78 -7.51
CA VAL A 72 -5.80 -16.60 -6.42
C VAL A 72 -6.95 -15.87 -5.75
N GLY A 73 -8.01 -16.56 -5.36
CA GLY A 73 -9.14 -15.90 -4.71
C GLY A 73 -8.87 -15.58 -3.24
N VAL A 74 -9.71 -14.71 -2.67
CA VAL A 74 -9.61 -14.34 -1.25
C VAL A 74 -10.66 -15.10 -0.45
N GLN A 75 -10.21 -15.95 0.46
CA GLN A 75 -11.18 -16.63 1.25
C GLN A 75 -11.53 -15.91 2.57
N LYS A 76 -10.71 -15.11 3.27
CA LYS A 76 -11.22 -14.45 4.48
C LYS A 76 -10.70 -13.04 4.51
N ILE A 77 -11.46 -12.01 4.86
CA ILE A 77 -10.97 -10.63 4.88
C ILE A 77 -11.00 -10.27 6.37
N VAL A 78 -9.87 -9.84 7.00
CA VAL A 78 -9.86 -9.50 8.41
C VAL A 78 -9.40 -8.07 8.51
N VAL A 79 -10.35 -7.19 8.79
CA VAL A 79 -10.08 -5.77 8.96
C VAL A 79 -9.77 -5.40 10.40
N HIS A 80 -8.93 -4.41 10.68
CA HIS A 80 -8.83 -3.92 12.04
C HIS A 80 -10.22 -3.71 12.70
N PRO A 81 -10.53 -4.34 13.87
CA PRO A 81 -11.62 -4.01 14.80
C PRO A 81 -12.10 -2.57 14.96
N TYR A 82 -11.17 -1.64 14.86
CA TYR A 82 -11.41 -0.25 15.15
C TYR A 82 -11.51 0.66 13.94
N TRP A 83 -11.43 0.05 12.75
CA TRP A 83 -11.48 0.82 11.53
C TRP A 83 -12.87 1.46 11.40
N ASN A 84 -12.97 2.77 11.06
CA ASN A 84 -14.25 3.40 10.77
C ASN A 84 -14.12 4.24 9.50
N THR A 85 -14.91 3.75 8.55
CA THR A 85 -15.05 4.37 7.23
C THR A 85 -15.34 5.83 7.17
N ASP A 86 -16.24 6.34 8.04
CA ASP A 86 -16.57 7.78 8.06
C ASP A 86 -15.46 8.66 8.60
N ASP A 87 -14.38 8.00 9.05
CA ASP A 87 -13.19 8.69 9.54
C ASP A 87 -11.85 8.09 9.15
N VAL A 88 -11.32 8.25 7.95
CA VAL A 88 -9.98 7.71 7.66
C VAL A 88 -8.85 8.44 8.46
N ALA A 89 -9.08 9.66 8.96
CA ALA A 89 -8.12 10.38 9.74
C ALA A 89 -7.98 9.79 11.14
N ALA A 90 -8.96 8.95 11.48
CA ALA A 90 -8.91 8.17 12.71
C ALA A 90 -7.85 7.08 12.72
N GLY A 91 -7.46 6.53 11.55
CA GLY A 91 -6.49 5.48 11.52
C GLY A 91 -7.09 4.10 11.49
N TYR A 92 -6.28 3.07 11.82
CA TYR A 92 -6.65 1.66 11.75
C TYR A 92 -6.96 1.21 10.34
N ASP A 93 -6.43 1.94 9.34
CA ASP A 93 -6.71 1.62 7.95
C ASP A 93 -5.80 0.50 7.52
N ILE A 94 -6.11 -0.76 7.91
CA ILE A 94 -5.28 -1.90 7.56
C ILE A 94 -6.14 -3.15 7.64
N ALA A 95 -5.91 -4.12 6.73
CA ALA A 95 -6.69 -5.35 6.70
C ALA A 95 -5.84 -6.50 6.15
N LEU A 96 -6.29 -7.74 6.46
CA LEU A 96 -5.54 -8.92 6.12
C LEU A 96 -6.36 -9.91 5.35
N LEU A 97 -5.84 -10.25 4.19
CA LEU A 97 -6.54 -11.13 3.25
C LEU A 97 -5.94 -12.50 3.26
N ARG A 98 -6.64 -13.54 3.72
CA ARG A 98 -6.03 -14.79 3.53
C ARG A 98 -6.59 -15.33 2.24
N LEU A 99 -5.59 -15.78 1.56
CA LEU A 99 -5.75 -16.26 0.24
C LEU A 99 -6.27 -17.65 0.30
N ALA A 100 -7.20 -17.90 -0.63
CA ALA A 100 -7.81 -19.18 -0.87
C ALA A 100 -6.77 -20.27 -1.13
N GLN A 101 -5.55 -19.96 -1.60
CA GLN A 101 -4.46 -20.91 -1.83
C GLN A 101 -3.16 -20.15 -1.61
N SER A 102 -2.11 -20.86 -1.30
CA SER A 102 -0.78 -20.30 -1.14
C SER A 102 -0.14 -20.06 -2.49
N VAL A 103 0.54 -18.94 -2.74
CA VAL A 103 1.21 -18.69 -4.00
C VAL A 103 2.57 -19.30 -3.97
N THR A 104 3.10 -19.60 -5.17
CA THR A 104 4.44 -20.11 -5.33
C THR A 104 5.43 -18.92 -5.44
N LEU A 105 6.38 -18.99 -4.49
CA LEU A 105 7.44 -18.00 -4.33
C LEU A 105 8.47 -18.29 -5.36
N ASN A 106 8.97 -17.29 -6.10
CA ASN A 106 9.99 -17.45 -7.15
C ASN A 106 10.63 -16.10 -7.40
N SER A 107 11.32 -15.75 -8.50
CA SER A 107 11.94 -14.40 -8.61
C SER A 107 10.99 -13.19 -8.75
N TYR A 108 9.70 -13.49 -8.96
CA TYR A 108 8.68 -12.50 -9.16
C TYR A 108 7.71 -12.40 -7.99
N VAL A 109 7.52 -13.47 -7.21
CA VAL A 109 6.62 -13.58 -6.05
C VAL A 109 7.52 -13.81 -4.85
N GLN A 110 7.75 -12.80 -4.03
CA GLN A 110 8.55 -12.92 -2.82
C GLN A 110 7.81 -12.28 -1.66
N LEU A 111 8.18 -12.57 -0.42
CA LEU A 111 7.44 -11.96 0.68
C LEU A 111 8.01 -10.60 1.09
N GLY A 112 7.09 -9.69 1.44
CA GLY A 112 7.43 -8.41 2.00
C GLY A 112 8.02 -8.63 3.39
N VAL A 113 9.05 -7.82 3.68
CA VAL A 113 9.81 -7.82 4.93
C VAL A 113 9.08 -6.75 5.79
N LEU A 114 8.47 -7.00 6.95
CA LEU A 114 7.86 -5.93 7.77
C LEU A 114 8.89 -5.39 8.78
N PRO A 115 8.78 -4.14 9.26
CA PRO A 115 9.60 -3.52 10.25
C PRO A 115 9.48 -4.10 11.66
N ARG A 116 10.48 -3.97 12.55
CA ARG A 116 10.22 -4.41 13.91
C ARG A 116 9.27 -3.41 14.58
N ALA A 117 8.59 -3.97 15.61
CA ALA A 117 7.56 -3.24 16.32
C ALA A 117 8.11 -2.00 17.01
N GLY A 118 7.48 -0.87 16.75
CA GLY A 118 7.81 0.41 17.35
C GLY A 118 8.81 1.31 16.62
N THR A 119 9.24 0.80 15.49
CA THR A 119 10.26 1.41 14.67
C THR A 119 9.76 2.67 14.00
N ILE A 120 10.36 3.82 14.28
CA ILE A 120 10.10 5.10 13.63
C ILE A 120 11.34 5.54 12.83
N LEU A 121 11.09 6.00 11.63
CA LEU A 121 12.13 6.46 10.77
C LEU A 121 12.53 7.88 11.05
N ALA A 122 13.83 8.16 10.91
CA ALA A 122 14.29 9.55 10.94
C ALA A 122 13.65 10.27 9.75
N ASN A 123 13.48 11.59 9.92
CA ASN A 123 12.91 12.48 8.90
C ASN A 123 13.76 12.47 7.64
N ASN A 124 13.09 12.60 6.50
CA ASN A 124 13.68 12.52 5.20
C ASN A 124 14.52 11.27 4.91
N SER A 125 13.90 10.13 5.29
CA SER A 125 14.45 8.79 5.08
C SER A 125 14.04 8.30 3.72
N PRO A 126 14.84 7.56 2.96
CA PRO A 126 14.56 7.16 1.60
C PRO A 126 13.62 5.97 1.55
N CYS A 127 12.51 6.25 0.85
CA CYS A 127 11.40 5.32 0.72
C CYS A 127 10.90 5.40 -0.68
N TYR A 128 10.41 4.28 -1.26
CA TYR A 128 9.76 4.31 -2.58
C TYR A 128 8.31 3.93 -2.45
N ILE A 129 7.38 4.65 -3.08
CA ILE A 129 5.99 4.15 -3.14
C ILE A 129 5.90 3.41 -4.46
N THR A 130 5.17 2.32 -4.49
CA THR A 130 4.91 1.65 -5.75
C THR A 130 3.40 1.36 -5.90
N GLY A 131 3.01 1.19 -7.20
CA GLY A 131 1.59 0.96 -7.54
C GLY A 131 1.14 1.33 -8.96
N TRP A 132 -0.07 0.84 -9.20
CA TRP A 132 -0.78 1.01 -10.47
C TRP A 132 -1.87 2.10 -10.45
N GLY A 133 -1.94 2.86 -9.32
CA GLY A 133 -2.85 3.99 -9.20
C GLY A 133 -2.66 5.13 -10.18
N LEU A 134 -3.46 6.19 -10.02
CA LEU A 134 -3.49 7.34 -10.92
C LEU A 134 -2.13 7.98 -11.02
N THR A 135 -1.89 8.44 -12.27
CA THR A 135 -0.66 9.12 -12.67
C THR A 135 -0.83 10.61 -12.69
N ARG A 136 -2.07 11.11 -12.64
CA ARG A 136 -2.41 12.54 -12.58
C ARG A 136 -3.55 12.62 -11.56
N THR A 137 -3.74 13.76 -10.90
CA THR A 137 -4.85 13.94 -9.98
C THR A 137 -6.01 13.95 -10.92
N ASN A 138 -7.00 13.04 -10.66
CA ASN A 138 -8.18 12.86 -11.52
C ASN A 138 -7.89 12.27 -12.91
N GLY A 139 -6.74 11.61 -13.12
CA GLY A 139 -6.29 11.01 -14.36
C GLY A 139 -6.77 9.57 -14.37
N GLN A 140 -6.01 8.64 -14.90
CA GLN A 140 -6.48 7.25 -15.03
C GLN A 140 -5.40 6.27 -14.56
N LEU A 141 -5.68 4.99 -14.30
CA LEU A 141 -4.64 4.11 -13.79
C LEU A 141 -3.48 3.89 -14.75
N ALA A 142 -2.33 3.46 -14.18
CA ALA A 142 -1.19 3.09 -15.01
C ALA A 142 -1.36 1.61 -15.29
N GLN A 143 -0.93 1.27 -16.49
CA GLN A 143 -0.86 -0.10 -16.92
C GLN A 143 0.37 -0.79 -16.45
N THR A 144 1.53 -0.18 -16.50
CA THR A 144 2.70 -0.83 -15.95
C THR A 144 2.88 -0.34 -14.49
N LEU A 145 3.48 -1.17 -13.63
CA LEU A 145 3.73 -0.69 -12.28
C LEU A 145 4.74 0.50 -12.26
N GLN A 146 4.34 1.55 -11.56
CA GLN A 146 5.08 2.78 -11.32
C GLN A 146 5.70 2.82 -9.90
N GLN A 147 6.81 3.59 -9.75
CA GLN A 147 7.51 3.78 -8.49
C GLN A 147 7.97 5.23 -8.40
N ALA A 148 8.14 5.76 -7.21
CA ALA A 148 8.56 7.15 -7.04
C ALA A 148 9.28 7.28 -5.70
N TYR A 149 10.40 8.00 -5.69
CA TYR A 149 11.12 8.22 -4.43
C TYR A 149 10.29 9.20 -3.62
N LEU A 150 9.93 8.83 -2.41
CA LEU A 150 9.13 9.62 -1.49
C LEU A 150 9.86 9.58 -0.12
N PRO A 151 10.78 10.49 0.25
CA PRO A 151 11.36 10.57 1.62
C PRO A 151 10.36 10.92 2.75
N THR A 152 10.40 10.28 3.92
CA THR A 152 9.50 10.54 5.03
C THR A 152 9.46 11.96 5.52
N VAL A 153 8.32 12.36 6.09
CA VAL A 153 8.17 13.63 6.78
C VAL A 153 7.80 13.13 8.19
N ASP A 154 8.58 13.39 9.23
CA ASP A 154 8.29 12.82 10.52
C ASP A 154 7.01 13.37 11.13
N TYR A 155 6.46 12.69 12.13
CA TYR A 155 5.24 13.08 12.79
C TYR A 155 5.24 14.47 13.37
N ALA A 156 6.32 15.04 13.83
CA ALA A 156 6.33 16.41 14.36
C ALA A 156 6.09 17.45 13.28
N ILE A 157 6.80 17.31 12.14
CA ILE A 157 6.72 18.24 11.03
C ILE A 157 5.38 17.91 10.41
N CYS A 158 4.96 16.64 10.32
CA CYS A 158 3.74 16.35 9.62
C CYS A 158 2.51 16.74 10.44
N SER A 159 2.46 16.75 11.77
CA SER A 159 1.29 17.21 12.50
C SER A 159 1.21 18.70 12.90
N SER A 160 2.31 19.38 12.47
CA SER A 160 2.41 20.80 12.50
C SER A 160 1.40 21.43 11.53
N SER A 161 1.17 22.75 11.64
CA SER A 161 0.17 23.43 10.85
C SER A 161 0.45 23.62 9.39
N SER A 162 1.71 23.65 8.92
CA SER A 162 1.95 23.85 7.49
C SER A 162 1.74 22.54 6.72
N TYR A 163 1.85 21.37 7.40
CA TYR A 163 1.66 20.08 6.77
C TYR A 163 0.26 19.58 6.96
N TRP A 164 0.00 18.56 7.80
CA TRP A 164 -1.31 17.92 7.93
C TRP A 164 -2.16 18.21 9.14
N GLY A 165 -1.54 18.89 10.11
CA GLY A 165 -2.23 19.28 11.30
C GLY A 165 -2.66 18.10 12.15
N SER A 166 -3.91 18.19 12.57
CA SER A 166 -4.49 17.21 13.45
C SER A 166 -5.11 16.05 12.68
N THR A 167 -5.16 16.18 11.36
CA THR A 167 -5.71 15.18 10.45
C THR A 167 -4.86 13.95 10.53
N VAL A 168 -3.58 14.04 10.88
CA VAL A 168 -2.71 12.89 10.90
C VAL A 168 -2.37 12.55 12.35
N LYS A 169 -2.14 11.26 12.61
CA LYS A 169 -1.88 10.72 13.93
C LYS A 169 -0.53 10.03 13.90
N ASN A 170 -0.01 9.61 15.06
CA ASN A 170 1.27 8.89 15.17
C ASN A 170 1.22 7.40 14.83
N SER A 171 0.04 6.92 14.42
CA SER A 171 -0.13 5.57 13.94
C SER A 171 0.17 5.60 12.42
N MET A 172 0.62 6.73 11.86
CA MET A 172 0.75 6.92 10.42
C MET A 172 2.11 7.47 10.11
N VAL A 173 2.54 7.13 8.89
CA VAL A 173 3.79 7.59 8.31
C VAL A 173 3.41 8.48 7.16
N CYS A 174 4.05 9.63 7.07
CA CYS A 174 3.93 10.62 6.01
C CYS A 174 5.12 10.48 5.08
N ALA A 175 5.02 10.48 3.76
CA ALA A 175 6.21 10.57 2.90
C ALA A 175 5.92 11.49 1.70
N GLY A 176 6.90 12.31 1.25
CA GLY A 176 6.74 13.24 0.14
C GLY A 176 6.25 14.65 0.47
N GLY A 177 5.38 15.14 -0.42
CA GLY A 177 4.80 16.48 -0.30
C GLY A 177 5.61 17.51 -1.10
N ASP A 178 6.43 17.11 -2.07
CA ASP A 178 7.10 18.13 -2.85
C ASP A 178 6.15 18.69 -3.91
N GLY A 179 4.98 18.09 -4.07
CA GLY A 179 3.99 18.56 -5.00
C GLY A 179 4.23 18.22 -6.48
N VAL A 180 5.18 17.29 -6.67
CA VAL A 180 5.57 16.75 -7.96
C VAL A 180 5.29 15.26 -7.93
N ARG A 181 5.76 14.52 -6.90
CA ARG A 181 5.47 13.10 -6.75
C ARG A 181 4.54 12.77 -5.57
N SER A 182 3.83 11.63 -5.75
CA SER A 182 2.94 11.16 -4.73
C SER A 182 2.20 9.90 -5.10
N GLY A 183 1.57 9.35 -4.03
CA GLY A 183 0.59 8.29 -4.26
C GLY A 183 -0.69 8.93 -4.83
N CYS A 184 -1.65 8.17 -5.28
CA CYS A 184 -2.92 8.68 -5.80
C CYS A 184 -3.94 7.54 -5.81
N GLN A 185 -5.24 7.70 -6.03
CA GLN A 185 -6.20 6.61 -6.04
C GLN A 185 -5.80 5.40 -6.91
N GLY A 186 -6.05 4.17 -6.45
CA GLY A 186 -5.55 2.93 -7.00
C GLY A 186 -4.25 2.49 -6.35
N ASP A 187 -3.64 3.31 -5.49
CA ASP A 187 -2.35 3.04 -4.83
C ASP A 187 -2.54 2.57 -3.40
N SER A 188 -3.73 2.91 -2.85
CA SER A 188 -4.14 2.62 -1.49
C SER A 188 -3.99 1.15 -1.15
N GLY A 189 -3.49 0.86 0.07
CA GLY A 189 -3.32 -0.52 0.50
C GLY A 189 -1.93 -1.08 0.15
N GLY A 190 -1.29 -0.37 -0.79
CA GLY A 190 -0.01 -0.74 -1.33
C GLY A 190 1.14 -0.44 -0.43
N PRO A 191 2.35 -0.87 -0.80
CA PRO A 191 3.52 -0.64 0.06
C PRO A 191 4.26 0.72 0.02
N LEU A 192 4.86 1.14 1.16
CA LEU A 192 5.85 2.19 1.20
C LEU A 192 7.13 1.43 1.59
N HIS A 193 8.11 1.34 0.71
CA HIS A 193 9.32 0.51 0.98
C HIS A 193 10.47 1.41 1.37
N CYS A 194 10.92 1.25 2.59
CA CYS A 194 11.97 2.11 3.14
C CYS A 194 13.30 1.38 3.35
N LEU A 195 14.40 1.95 2.85
CA LEU A 195 15.72 1.30 2.98
C LEU A 195 16.19 1.45 4.43
N VAL A 196 16.63 0.33 5.02
CA VAL A 196 16.96 0.30 6.43
C VAL A 196 17.81 -0.93 6.62
N ASN A 197 19.04 -0.54 6.96
CA ASN A 197 20.21 -1.40 7.20
C ASN A 197 20.57 -2.31 6.04
N GLY A 198 20.58 -1.70 4.84
CA GLY A 198 20.87 -2.37 3.60
C GLY A 198 19.69 -3.19 3.05
N GLN A 199 18.54 -3.21 3.74
CA GLN A 199 17.37 -3.92 3.28
C GLN A 199 16.14 -2.99 3.18
N TYR A 200 15.28 -3.30 2.22
CA TYR A 200 14.05 -2.57 2.07
C TYR A 200 13.05 -3.37 2.88
N ALA A 201 12.34 -2.51 3.59
CA ALA A 201 11.28 -2.97 4.47
C ALA A 201 10.01 -2.18 4.17
N VAL A 202 8.85 -2.85 4.20
CA VAL A 202 7.53 -2.26 4.06
C VAL A 202 7.02 -1.57 5.37
N HIS A 203 7.18 -0.24 5.40
CA HIS A 203 6.89 0.58 6.54
C HIS A 203 5.53 1.24 6.55
N GLY A 204 4.91 1.34 5.38
CA GLY A 204 3.67 2.07 5.24
C GLY A 204 2.67 1.28 4.42
N VAL A 205 1.38 1.50 4.60
CA VAL A 205 0.30 0.84 3.82
C VAL A 205 -0.37 2.07 3.23
N THR A 206 -0.34 2.49 1.94
CA THR A 206 -0.99 3.73 1.45
C THR A 206 -2.50 3.83 1.86
N SER A 207 -2.79 4.99 2.43
CA SER A 207 -4.04 5.26 3.05
C SER A 207 -4.70 6.47 2.46
N PHE A 208 -4.01 7.60 2.38
CA PHE A 208 -4.69 8.72 1.80
C PHE A 208 -3.82 9.87 1.43
N VAL A 209 -4.57 10.68 0.65
CA VAL A 209 -4.16 11.95 0.12
C VAL A 209 -5.25 13.01 0.37
N SER A 210 -4.76 14.23 0.12
CA SER A 210 -5.54 15.45 0.21
C SER A 210 -6.72 15.48 -0.78
N ARG A 211 -7.77 16.20 -0.41
CA ARG A 211 -8.99 16.29 -1.21
C ARG A 211 -8.75 17.23 -2.37
N LEU A 212 -7.79 18.14 -2.16
CA LEU A 212 -7.27 19.08 -3.14
C LEU A 212 -6.60 18.42 -4.34
N GLY A 213 -6.06 17.23 -4.02
CA GLY A 213 -5.33 16.45 -5.00
C GLY A 213 -4.31 15.58 -4.31
N CYS A 214 -3.72 14.82 -5.20
CA CYS A 214 -2.78 13.77 -4.89
C CYS A 214 -1.41 14.37 -4.61
N ASN A 215 -0.83 15.06 -5.57
CA ASN A 215 0.44 15.77 -5.38
C ASN A 215 0.11 17.21 -5.04
N VAL A 216 0.47 17.71 -3.88
CA VAL A 216 0.13 19.05 -3.42
C VAL A 216 1.30 19.37 -2.49
N THR A 217 2.01 20.52 -2.67
CA THR A 217 3.11 20.93 -1.78
C THR A 217 2.59 20.93 -0.35
N ARG A 218 3.44 20.29 0.50
CA ARG A 218 3.21 20.11 1.93
C ARG A 218 1.97 19.31 2.36
N LYS A 219 1.52 18.40 1.48
CA LYS A 219 0.46 17.42 1.80
C LYS A 219 0.95 16.05 1.34
N PRO A 220 1.86 15.48 2.15
CA PRO A 220 2.46 14.21 1.81
C PRO A 220 1.41 13.11 1.81
N THR A 221 1.73 11.97 1.17
CA THR A 221 0.89 10.80 1.21
C THR A 221 1.07 10.24 2.61
N VAL A 222 -0.07 9.83 3.13
CA VAL A 222 -0.28 9.35 4.45
C VAL A 222 -0.44 7.87 4.31
N PHE A 223 0.36 7.18 5.09
CA PHE A 223 0.39 5.74 5.06
C PHE A 223 0.02 5.26 6.44
N THR A 224 -0.56 4.07 6.61
CA THR A 224 -0.72 3.47 7.91
C THR A 224 0.67 2.95 8.33
N ARG A 225 1.09 3.17 9.56
CA ARG A 225 2.40 2.72 10.01
C ARG A 225 2.39 1.29 10.48
N VAL A 226 3.01 0.43 9.66
CA VAL A 226 3.08 -1.01 9.89
C VAL A 226 3.73 -1.38 11.22
N SER A 227 4.78 -0.67 11.66
CA SER A 227 5.41 -0.97 12.91
C SER A 227 4.52 -0.78 14.13
N ALA A 228 3.38 -0.04 13.95
CA ALA A 228 2.42 0.04 15.03
C ALA A 228 1.51 -1.19 15.07
N TYR A 229 1.47 -2.01 14.03
CA TYR A 229 0.53 -3.14 13.90
C TYR A 229 1.09 -4.57 13.96
N ILE A 230 2.39 -4.75 14.10
CA ILE A 230 3.02 -6.06 14.12
C ILE A 230 2.34 -7.03 15.05
N SER A 231 2.02 -6.67 16.28
CA SER A 231 1.34 -7.63 17.10
C SER A 231 -0.10 -7.98 16.70
N TRP A 232 -0.89 -7.00 16.23
CA TRP A 232 -2.22 -7.33 15.71
C TRP A 232 -2.13 -8.28 14.52
N ILE A 233 -1.28 -7.95 13.53
CA ILE A 233 -1.02 -8.76 12.35
C ILE A 233 -0.73 -10.21 12.71
N ASN A 234 0.21 -10.34 13.61
CA ASN A 234 0.65 -11.65 13.99
C ASN A 234 -0.36 -12.45 14.80
N ASN A 235 -1.29 -11.74 15.44
CA ASN A 235 -2.33 -12.39 16.22
C ASN A 235 -3.37 -12.89 15.26
N VAL A 236 -3.51 -12.21 14.12
CA VAL A 236 -4.49 -12.67 13.15
C VAL A 236 -3.91 -13.86 12.40
N ILE A 237 -2.62 -13.85 12.00
CA ILE A 237 -2.13 -14.94 11.16
C ILE A 237 -2.12 -16.27 11.92
N ALA A 238 -1.79 -16.24 13.22
CA ALA A 238 -1.80 -17.42 14.08
C ALA A 238 -3.18 -17.97 14.48
N SER A 239 -4.28 -17.38 13.99
CA SER A 239 -5.62 -17.94 14.21
C SER A 239 -6.16 -18.76 13.02
N ASN A 240 -6.11 -18.21 11.80
CA ASN A 240 -6.84 -18.75 10.65
C ASN A 240 -6.02 -19.55 9.62
#